data_5GKF
#
_entry.id   5GKF
#
_cell.length_a   92.440
_cell.length_b   92.440
_cell.length_c   404.320
_cell.angle_alpha   90.00
_cell.angle_beta   90.00
_cell.angle_gamma   120.00
#
_symmetry.space_group_name_H-M   'P 61 2 2'
#
loop_
_entity.id
_entity.type
_entity.pdbx_description
1 polymer 'Endonuclease EndoMS'
2 polymer "DNA (5'-D(*CP*GP*CP*TP*AP*CP*AP*TP*GP*TP*CP*GP*TP*CP*C)-3')"
3 polymer "DNA (5'-D(*GP*GP*AP*CP*GP*AP*CP*TP*TP*GP*TP*AP*GP*CP*G)-3')"
4 non-polymer (4S)-2-METHYL-2,4-PENTANEDIOL
5 non-polymer 'MAGNESIUM ION'
6 water water
#
loop_
_entity_poly.entity_id
_entity_poly.type
_entity_poly.pdbx_seq_one_letter_code
_entity_poly.pdbx_strand_id
1 'polypeptide(L)'
;MSKDKVTVITSPSTEELVSLVNSALLEEAMLTIFARCKVHYDGRAKSELGSGDRVIIVKPDGSFLIHQSKKREPVNWQPP
GSRVRLELRENPVLVSIRRKPRETLEVELEEVYMVSVFRAEDYEELALTGSEAEMAELIFENPEVIEPGFKPLFREKAIG
TGIVAVLGRDSDGNIVVLELKRRRAELHAVRQLKSYVEILREEYGDKVRGILVAPSLTSGAKRLLEKEGLEFRKLEPPKR
DSKKKGRQKTLF
;
A,B
2 'polydeoxyribonucleotide' (DC)(DG)(DC)(DT)(DA)(DC)(DA)(DT)(DG)(DT)(DC)(DG)(DT)(DC)(DC) C
3 'polydeoxyribonucleotide' (DG)(DG)(DA)(DC)(DG)(DA)(DC)(DT)(DT)(DG)(DT)(DA)(DG)(DC)(DG) D
#
loop_
_chem_comp.id
_chem_comp.type
_chem_comp.name
_chem_comp.formula
DA DNA linking 2'-DEOXYADENOSINE-5'-MONOPHOSPHATE 'C10 H14 N5 O6 P'
DC DNA linking 2'-DEOXYCYTIDINE-5'-MONOPHOSPHATE 'C9 H14 N3 O7 P'
DG DNA linking 2'-DEOXYGUANOSINE-5'-MONOPHOSPHATE 'C10 H14 N5 O7 P'
DT DNA linking THYMIDINE-5'-MONOPHOSPHATE 'C10 H15 N2 O8 P'
MG non-polymer 'MAGNESIUM ION' 'Mg 2'
MPD non-polymer (4S)-2-METHYL-2,4-PENTANEDIOL 'C6 H14 O2'
#
# COMPACT_ATOMS: atom_id res chain seq x y z
N SER A 2 21.65 5.05 -29.50
CA SER A 2 20.65 4.78 -28.48
C SER A 2 19.22 4.82 -29.04
N LYS A 3 18.92 3.94 -29.99
CA LYS A 3 17.68 3.98 -30.79
C LYS A 3 16.73 2.81 -30.48
N ASP A 4 17.23 1.58 -30.54
CA ASP A 4 16.41 0.42 -30.21
C ASP A 4 15.69 0.55 -28.89
N LYS A 5 14.46 0.03 -28.85
CA LYS A 5 13.61 0.03 -27.65
C LYS A 5 14.30 -0.58 -26.41
N VAL A 6 15.17 -1.57 -26.62
CA VAL A 6 15.84 -2.24 -25.50
C VAL A 6 17.34 -2.36 -25.74
N THR A 7 18.10 -2.12 -24.68
CA THR A 7 19.52 -2.43 -24.56
C THR A 7 19.81 -3.38 -23.36
N VAL A 8 20.57 -4.46 -23.56
CA VAL A 8 20.92 -5.34 -22.45
C VAL A 8 22.40 -5.61 -22.47
N ILE A 9 23.06 -5.42 -21.35
CA ILE A 9 24.43 -5.91 -21.22
C ILE A 9 24.57 -6.75 -19.97
N THR A 10 24.75 -8.05 -20.15
CA THR A 10 25.05 -8.93 -19.04
C THR A 10 26.50 -8.76 -18.63
N SER A 11 26.78 -9.00 -17.36
CA SER A 11 28.08 -8.76 -16.71
C SER A 11 28.79 -7.52 -17.22
N PRO A 12 28.18 -6.35 -17.04
CA PRO A 12 28.79 -5.18 -17.67
C PRO A 12 30.08 -4.80 -16.99
N SER A 13 30.92 -4.01 -17.65
CA SER A 13 32.08 -3.46 -16.99
C SER A 13 31.64 -2.14 -16.41
N THR A 14 32.54 -1.43 -15.73
CA THR A 14 32.15 -0.19 -15.11
C THR A 14 31.74 0.87 -16.15
N GLU A 15 32.48 0.99 -17.25
CA GLU A 15 32.14 1.99 -18.25
C GLU A 15 30.79 1.65 -18.87
N GLU A 16 30.53 0.36 -19.05
CA GLU A 16 29.28 -0.11 -19.63
C GLU A 16 28.10 0.23 -18.69
N LEU A 17 28.27 -0.12 -17.42
CA LEU A 17 27.28 0.18 -16.37
C LEU A 17 26.94 1.66 -16.33
N VAL A 18 27.97 2.50 -16.23
CA VAL A 18 27.83 3.94 -16.16
C VAL A 18 27.12 4.46 -17.41
N SER A 19 27.60 3.99 -18.55
CA SER A 19 27.08 4.42 -19.82
C SER A 19 25.58 4.16 -19.89
N LEU A 20 25.15 2.96 -19.46
CA LEU A 20 23.75 2.60 -19.63
C LEU A 20 22.87 3.32 -18.64
N VAL A 21 23.27 3.28 -17.37
CA VAL A 21 22.51 4.00 -16.36
C VAL A 21 22.29 5.48 -16.74
N ASN A 22 23.35 6.16 -17.16
CA ASN A 22 23.22 7.59 -17.44
C ASN A 22 22.38 7.83 -18.69
N SER A 23 22.43 6.91 -19.64
CA SER A 23 21.53 6.99 -20.78
C SER A 23 20.07 6.85 -20.36
N ALA A 24 19.82 5.90 -19.46
CA ALA A 24 18.47 5.58 -19.00
C ALA A 24 17.83 6.85 -18.47
N LEU A 25 18.44 7.37 -17.40
CA LEU A 25 18.02 8.59 -16.73
C LEU A 25 17.78 9.77 -17.68
N LEU A 26 18.80 10.07 -18.48
CA LEU A 26 18.69 11.13 -19.48
C LEU A 26 17.54 10.93 -20.49
N GLU A 27 17.30 9.69 -20.92
CA GLU A 27 16.36 9.39 -22.01
C GLU A 27 14.91 9.22 -21.56
N GLU A 28 14.71 9.11 -20.25
CA GLU A 28 13.40 8.81 -19.65
C GLU A 28 12.93 7.45 -20.05
N ALA A 29 13.88 6.54 -19.97
CA ALA A 29 13.67 5.14 -20.19
C ALA A 29 13.55 4.45 -18.83
N MET A 30 13.31 3.15 -18.83
CA MET A 30 13.30 2.43 -17.59
C MET A 30 14.63 1.76 -17.45
N LEU A 31 15.21 1.87 -16.26
CA LEU A 31 16.48 1.24 -15.96
C LEU A 31 16.17 -0.03 -15.18
N THR A 32 16.72 -1.15 -15.63
CA THR A 32 16.55 -2.40 -14.90
C THR A 32 17.89 -3.12 -14.67
N ILE A 33 18.17 -3.43 -13.43
CA ILE A 33 19.43 -4.01 -13.03
C ILE A 33 19.18 -5.28 -12.22
N PHE A 34 19.72 -6.42 -12.66
CA PHE A 34 19.81 -7.62 -11.80
C PHE A 34 21.19 -7.55 -11.20
N ALA A 35 21.28 -7.59 -9.88
CA ALA A 35 22.56 -7.37 -9.25
C ALA A 35 22.63 -7.97 -7.86
N ARG A 36 23.82 -8.28 -7.40
CA ARG A 36 24.04 -8.55 -5.99
C ARG A 36 24.36 -7.23 -5.30
N CYS A 37 23.62 -6.90 -4.26
CA CYS A 37 23.73 -5.57 -3.66
C CYS A 37 23.55 -5.55 -2.15
N LYS A 38 23.89 -4.39 -1.57
CA LYS A 38 23.47 -3.98 -0.24
C LYS A 38 22.62 -2.71 -0.34
N VAL A 39 21.67 -2.50 0.57
CA VAL A 39 20.82 -1.30 0.49
C VAL A 39 20.79 -0.52 1.81
N HIS A 40 21.00 0.79 1.75
CA HIS A 40 21.03 1.62 2.94
C HIS A 40 19.95 2.70 2.79
N TYR A 41 19.04 2.78 3.76
CA TYR A 41 17.95 3.75 3.66
C TYR A 41 17.84 4.59 4.92
N ASP A 42 17.74 5.90 4.72
CA ASP A 42 17.59 6.83 5.82
C ASP A 42 16.66 7.96 5.38
N GLY A 43 15.70 8.32 6.22
CA GLY A 43 14.54 9.03 5.71
C GLY A 43 13.49 9.08 6.80
N ARG A 44 12.24 8.97 6.38
CA ARG A 44 11.14 8.76 7.30
C ARG A 44 11.43 7.66 8.35
N ALA A 45 12.11 6.61 7.93
CA ALA A 45 12.53 5.55 8.85
C ALA A 45 13.93 5.16 8.46
N LYS A 46 14.45 4.05 8.97
CA LYS A 46 15.85 3.66 8.66
C LYS A 46 16.08 2.15 8.53
N SER A 47 16.84 1.74 7.51
CA SER A 47 17.04 0.30 7.33
C SER A 47 18.38 -0.06 6.73
N GLU A 48 18.73 -1.33 6.86
CA GLU A 48 19.88 -1.92 6.21
C GLU A 48 19.48 -3.30 5.70
N LEU A 49 19.76 -3.53 4.42
CA LEU A 49 19.55 -4.82 3.78
C LEU A 49 20.93 -5.39 3.39
N GLY A 50 21.21 -6.61 3.86
CA GLY A 50 22.51 -7.21 3.61
C GLY A 50 22.69 -7.66 2.17
N SER A 51 23.84 -8.26 1.87
CA SER A 51 24.15 -8.73 0.52
C SER A 51 23.22 -9.83 0.04
N GLY A 52 22.74 -9.66 -1.18
CA GLY A 52 21.75 -10.56 -1.76
C GLY A 52 21.42 -10.16 -3.19
N ASP A 53 20.83 -11.08 -3.94
CA ASP A 53 20.44 -10.84 -5.31
C ASP A 53 19.08 -10.17 -5.37
N ARG A 54 18.97 -9.10 -6.16
CA ARG A 54 17.71 -8.35 -6.31
C ARG A 54 17.48 -7.73 -7.70
N VAL A 55 16.23 -7.38 -7.98
CA VAL A 55 15.88 -6.62 -9.16
C VAL A 55 15.66 -5.16 -8.77
N ILE A 56 16.49 -4.27 -9.32
CA ILE A 56 16.33 -2.84 -9.12
C ILE A 56 15.69 -2.15 -10.32
N ILE A 57 14.68 -1.33 -10.08
CA ILE A 57 14.05 -0.58 -11.16
C ILE A 57 14.11 0.92 -10.87
N VAL A 58 14.38 1.73 -11.89
CA VAL A 58 14.29 3.18 -11.76
C VAL A 58 13.38 3.71 -12.86
N LYS A 59 12.27 4.32 -12.49
CA LYS A 59 11.34 4.84 -13.49
C LYS A 59 11.62 6.31 -13.81
N PRO A 60 11.30 6.74 -15.04
CA PRO A 60 11.68 8.11 -15.42
C PRO A 60 11.07 9.19 -14.53
N ASP A 61 10.04 8.88 -13.75
CA ASP A 61 9.49 9.88 -12.83
C ASP A 61 10.15 9.83 -11.46
N GLY A 62 11.21 9.04 -11.34
CA GLY A 62 12.00 9.01 -10.14
C GLY A 62 11.66 7.90 -9.18
N SER A 63 10.67 7.06 -9.51
CA SER A 63 10.41 5.86 -8.70
C SER A 63 11.59 4.91 -8.74
N PHE A 64 11.90 4.35 -7.59
CA PHE A 64 13.11 3.59 -7.37
C PHE A 64 12.71 2.34 -6.59
N LEU A 65 12.83 1.15 -7.17
CA LEU A 65 12.31 -0.06 -6.51
C LEU A 65 13.37 -1.13 -6.37
N ILE A 66 13.51 -1.67 -5.17
CA ILE A 66 14.39 -2.81 -4.98
C ILE A 66 13.52 -4.03 -4.65
N HIS A 67 13.51 -5.01 -5.55
CA HIS A 67 12.71 -6.21 -5.38
C HIS A 67 13.52 -7.46 -5.02
N GLN A 68 13.08 -8.16 -3.99
CA GLN A 68 13.61 -9.46 -3.64
C GLN A 68 12.79 -10.49 -4.38
N SER A 69 13.04 -11.77 -4.15
CA SER A 69 12.33 -12.79 -4.95
C SER A 69 10.97 -13.15 -4.35
N LYS A 70 10.61 -12.47 -3.28
CA LYS A 70 9.32 -12.69 -2.69
C LYS A 70 8.55 -11.40 -2.44
N LYS A 71 7.27 -11.63 -2.16
CA LYS A 71 6.14 -10.70 -1.94
C LYS A 71 5.72 -9.69 -3.04
N ARG A 72 4.83 -8.75 -2.75
CA ARG A 72 4.40 -7.86 -3.84
C ARG A 72 5.10 -6.50 -3.77
N GLU A 73 5.62 -6.26 -2.58
CA GLU A 73 6.24 -5.03 -2.20
C GLU A 73 7.73 -5.07 -2.41
N PRO A 74 8.30 -3.98 -2.90
CA PRO A 74 9.75 -3.97 -2.97
C PRO A 74 10.28 -3.91 -1.54
N VAL A 75 11.43 -4.52 -1.26
CA VAL A 75 11.95 -4.47 0.11
C VAL A 75 12.33 -3.04 0.49
N ASN A 76 12.95 -2.33 -0.44
CA ASN A 76 13.22 -0.91 -0.32
C ASN A 76 12.71 -0.20 -1.57
N TRP A 77 12.54 1.11 -1.45
CA TRP A 77 11.93 1.87 -2.54
C TRP A 77 11.97 3.33 -2.22
N GLN A 78 11.76 4.12 -3.26
CA GLN A 78 11.53 5.55 -3.13
C GLN A 78 10.39 5.85 -4.09
N PRO A 79 9.44 6.70 -3.67
CA PRO A 79 8.27 7.12 -4.46
C PRO A 79 8.67 8.13 -5.53
N PRO A 80 7.79 8.43 -6.51
CA PRO A 80 8.11 9.43 -7.54
C PRO A 80 8.68 10.75 -7.01
N GLY A 81 9.53 11.38 -7.81
CA GLY A 81 10.05 12.66 -7.42
C GLY A 81 11.45 12.57 -6.88
N SER A 82 11.93 11.37 -6.62
CA SER A 82 13.29 11.26 -6.09
C SER A 82 14.25 11.55 -7.23
N ARG A 83 15.48 11.88 -6.88
CA ARG A 83 16.49 12.19 -7.85
C ARG A 83 17.52 11.11 -7.76
N VAL A 84 17.76 10.43 -8.87
CA VAL A 84 18.64 9.26 -8.87
C VAL A 84 19.94 9.52 -9.63
N ARG A 85 21.02 8.90 -9.18
CA ARG A 85 22.31 9.04 -9.83
C ARG A 85 23.25 7.91 -9.44
N LEU A 86 24.25 7.68 -10.26
CA LEU A 86 25.23 6.64 -10.01
C LEU A 86 26.53 7.28 -9.53
N GLU A 87 27.06 6.82 -8.42
CA GLU A 87 28.32 7.37 -7.91
C GLU A 87 29.34 6.27 -7.87
N LEU A 88 30.60 6.60 -8.16
CA LEU A 88 31.62 5.56 -8.13
C LEU A 88 32.44 5.65 -6.85
N ARG A 89 32.13 4.73 -5.94
CA ARG A 89 32.87 4.49 -4.70
C ARG A 89 33.70 3.26 -4.87
N GLU A 90 34.09 2.69 -3.74
CA GLU A 90 34.77 1.41 -3.72
C GLU A 90 33.99 0.39 -4.60
N ASN A 91 32.66 0.56 -4.63
CA ASN A 91 31.76 -0.10 -5.59
C ASN A 91 30.90 0.96 -6.27
N PRO A 92 30.28 0.62 -7.41
CA PRO A 92 29.38 1.64 -7.96
C PRO A 92 28.13 1.67 -7.09
N VAL A 93 27.55 2.85 -6.91
CA VAL A 93 26.48 2.98 -5.93
C VAL A 93 25.37 3.85 -6.47
N LEU A 94 24.17 3.29 -6.50
CA LEU A 94 23.03 4.03 -7.01
C LEU A 94 22.50 4.83 -5.84
N VAL A 95 22.11 6.09 -6.07
CA VAL A 95 21.72 6.92 -4.94
C VAL A 95 20.50 7.74 -5.23
N SER A 96 19.53 7.62 -4.34
CA SER A 96 18.26 8.32 -4.46
C SER A 96 18.09 9.36 -3.36
N ILE A 97 17.95 10.62 -3.76
CA ILE A 97 17.73 11.74 -2.84
C ILE A 97 16.34 12.29 -3.06
N ARG A 98 15.72 12.74 -1.98
CA ARG A 98 14.40 13.32 -2.02
C ARG A 98 14.45 14.41 -0.96
N ARG A 99 13.83 15.55 -1.24
CA ARG A 99 13.67 16.61 -0.25
C ARG A 99 12.18 16.61 0.07
N LYS A 100 11.83 17.06 1.27
CA LYS A 100 10.42 17.16 1.65
C LYS A 100 9.64 15.86 1.37
N PRO A 101 9.79 14.85 2.23
CA PRO A 101 10.71 14.72 3.38
C PRO A 101 12.13 14.35 2.95
N ARG A 102 13.14 14.62 3.76
CA ARG A 102 14.49 14.26 3.37
C ARG A 102 14.65 12.74 3.42
N GLU A 103 14.96 12.14 2.28
CA GLU A 103 15.23 10.71 2.26
C GLU A 103 16.42 10.40 1.36
N THR A 104 17.24 9.47 1.84
CA THR A 104 18.32 8.92 1.05
C THR A 104 18.13 7.40 0.93
N LEU A 105 18.35 6.87 -0.28
CA LEU A 105 18.27 5.44 -0.52
C LEU A 105 19.51 5.08 -1.31
N GLU A 106 20.36 4.22 -0.75
CA GLU A 106 21.62 3.88 -1.39
C GLU A 106 21.70 2.41 -1.77
N VAL A 107 21.91 2.12 -3.04
CA VAL A 107 22.06 0.74 -3.49
C VAL A 107 23.45 0.46 -4.00
N GLU A 108 24.19 -0.30 -3.21
CA GLU A 108 25.60 -0.54 -3.46
C GLU A 108 25.72 -1.75 -4.35
N LEU A 109 26.21 -1.58 -5.59
CA LEU A 109 26.21 -2.72 -6.51
C LEU A 109 27.51 -3.47 -6.34
N GLU A 110 27.45 -4.65 -5.75
CA GLU A 110 28.63 -5.46 -5.50
C GLU A 110 29.02 -6.20 -6.75
N GLU A 111 28.03 -6.81 -7.39
CA GLU A 111 28.19 -7.40 -8.70
C GLU A 111 26.94 -7.28 -9.56
N VAL A 112 27.06 -6.72 -10.75
CA VAL A 112 25.90 -6.54 -11.59
C VAL A 112 25.84 -7.61 -12.68
N TYR A 113 24.85 -8.48 -12.55
CA TYR A 113 24.67 -9.53 -13.52
C TYR A 113 24.10 -9.02 -14.83
N MET A 114 23.26 -8.00 -14.77
CA MET A 114 22.63 -7.52 -16.00
C MET A 114 22.18 -6.08 -15.82
N VAL A 115 22.14 -5.34 -16.92
CA VAL A 115 21.73 -3.96 -16.89
C VAL A 115 21.00 -3.71 -18.19
N SER A 116 19.92 -2.97 -18.11
CA SER A 116 19.06 -2.80 -19.25
C SER A 116 18.33 -1.48 -19.23
N VAL A 117 18.09 -0.99 -20.43
CA VAL A 117 17.44 0.28 -20.65
C VAL A 117 16.26 -0.04 -21.53
N PHE A 118 15.06 0.38 -21.12
CA PHE A 118 13.84 0.06 -21.89
C PHE A 118 13.09 1.35 -22.23
N ARG A 119 13.19 1.76 -23.48
CA ARG A 119 12.63 3.06 -23.83
C ARG A 119 11.21 2.75 -24.18
N ALA A 120 10.31 2.98 -23.23
CA ALA A 120 9.02 2.34 -23.26
C ALA A 120 7.94 3.35 -23.61
N GLU A 121 7.05 3.00 -24.53
CA GLU A 121 5.96 3.88 -24.92
C GLU A 121 4.65 3.35 -24.39
N ASP A 122 3.99 4.15 -23.56
CA ASP A 122 2.66 3.84 -23.09
C ASP A 122 1.78 5.10 -23.01
N TYR A 123 0.74 5.18 -23.83
CA TYR A 123 -0.22 6.27 -23.74
C TYR A 123 -1.56 5.94 -23.07
N GLU A 124 -1.73 4.72 -22.55
CA GLU A 124 -3.08 4.29 -22.12
C GLU A 124 -3.18 4.23 -20.59
N GLU A 125 -4.27 4.71 -20.01
CA GLU A 125 -4.43 4.51 -18.57
C GLU A 125 -5.32 3.30 -18.24
N LEU A 126 -5.36 2.94 -16.96
CA LEU A 126 -6.16 1.84 -16.50
C LEU A 126 -7.61 2.23 -16.58
N ALA A 127 -8.49 1.27 -16.79
CA ALA A 127 -9.90 1.52 -16.67
C ALA A 127 -10.43 0.49 -15.70
N LEU A 128 -10.84 0.95 -14.53
CA LEU A 128 -11.25 0.02 -13.48
C LEU A 128 -12.70 0.26 -13.09
N THR A 129 -13.39 -0.82 -12.78
CA THR A 129 -14.76 -0.78 -12.28
C THR A 129 -14.86 -1.61 -11.00
N GLY A 130 -15.97 -1.47 -10.26
CA GLY A 130 -16.17 -2.20 -9.02
C GLY A 130 -15.50 -1.53 -7.83
N SER A 131 -15.40 -0.20 -7.91
CA SER A 131 -14.80 0.65 -6.88
C SER A 131 -15.81 1.27 -5.88
N GLU A 132 -15.34 2.09 -4.93
CA GLU A 132 -16.30 2.77 -4.04
C GLU A 132 -16.97 3.89 -4.83
N ALA A 133 -16.23 4.49 -5.75
CA ALA A 133 -16.82 5.52 -6.60
C ALA A 133 -18.03 4.93 -7.32
N GLU A 134 -17.86 3.74 -7.88
CA GLU A 134 -18.93 3.08 -8.61
C GLU A 134 -20.14 2.83 -7.73
N MET A 135 -19.93 2.50 -6.47
CA MET A 135 -21.05 2.29 -5.55
C MET A 135 -21.84 3.60 -5.39
N ALA A 136 -21.11 4.71 -5.28
CA ALA A 136 -21.71 6.00 -5.02
C ALA A 136 -22.55 6.43 -6.23
N GLU A 137 -21.99 6.30 -7.41
CA GLU A 137 -22.74 6.57 -8.65
C GLU A 137 -24.05 5.78 -8.70
N LEU A 138 -23.99 4.51 -8.35
CA LEU A 138 -25.19 3.69 -8.24
C LEU A 138 -26.23 4.30 -7.31
N ILE A 139 -25.79 4.78 -6.16
CA ILE A 139 -26.71 5.25 -5.15
C ILE A 139 -27.35 6.56 -5.60
N PHE A 140 -26.64 7.31 -6.43
CA PHE A 140 -27.17 8.56 -6.93
C PHE A 140 -28.12 8.35 -8.12
N GLU A 141 -27.83 7.34 -8.93
CA GLU A 141 -28.71 6.94 -10.04
C GLU A 141 -29.95 6.20 -9.51
N ASN A 142 -29.80 5.44 -8.44
CA ASN A 142 -30.84 4.59 -7.86
C ASN A 142 -30.92 4.58 -6.31
N PRO A 143 -31.42 5.65 -5.70
CA PRO A 143 -31.37 5.70 -4.24
C PRO A 143 -32.17 4.64 -3.52
N GLU A 144 -33.11 4.01 -4.22
CA GLU A 144 -33.96 3.02 -3.59
C GLU A 144 -33.17 1.77 -3.26
N VAL A 145 -31.93 1.68 -3.74
CA VAL A 145 -31.02 0.59 -3.36
C VAL A 145 -30.73 0.69 -1.87
N ILE A 146 -30.91 1.88 -1.33
CA ILE A 146 -30.74 2.13 0.09
C ILE A 146 -32.05 1.83 0.79
N GLU A 147 -33.08 2.57 0.41
CA GLU A 147 -34.41 2.47 1.02
C GLU A 147 -35.35 3.35 0.23
N PRO A 148 -36.65 3.01 0.23
CA PRO A 148 -37.59 3.79 -0.57
C PRO A 148 -37.76 5.14 0.07
N GLY A 149 -37.81 6.19 -0.73
CA GLY A 149 -37.91 7.53 -0.19
C GLY A 149 -36.64 7.89 0.54
N PHE A 150 -35.52 7.73 -0.16
CA PHE A 150 -34.25 8.20 0.31
C PHE A 150 -33.72 9.18 -0.72
N LYS A 151 -33.43 10.38 -0.27
CA LYS A 151 -32.92 11.42 -1.15
C LYS A 151 -31.47 11.74 -0.81
N PRO A 152 -30.56 11.45 -1.76
CA PRO A 152 -29.14 11.83 -1.74
C PRO A 152 -28.89 13.28 -2.18
N LEU A 153 -27.95 13.94 -1.52
CA LEU A 153 -27.66 15.35 -1.80
C LEU A 153 -26.19 15.55 -2.08
N PHE A 154 -25.35 15.17 -1.13
CA PHE A 154 -23.92 15.44 -1.26
C PHE A 154 -23.09 14.18 -1.37
N ARG A 155 -21.99 14.28 -2.13
CA ARG A 155 -21.01 13.20 -2.24
C ARG A 155 -19.63 13.72 -1.85
N GLU A 156 -18.97 12.98 -0.96
CA GLU A 156 -17.63 13.31 -0.47
C GLU A 156 -17.64 14.73 0.10
N LYS A 157 -18.59 14.94 1.01
CA LYS A 157 -18.88 16.24 1.61
C LYS A 157 -18.13 16.48 2.92
N ALA A 158 -17.40 17.59 3.01
CA ALA A 158 -16.77 17.95 4.27
C ALA A 158 -17.81 18.35 5.32
N ILE A 159 -17.82 17.60 6.42
CA ILE A 159 -18.66 17.83 7.56
C ILE A 159 -17.72 18.69 8.42
N GLY A 160 -18.03 19.00 9.65
CA GLY A 160 -17.10 19.85 10.38
C GLY A 160 -15.68 19.29 10.41
N THR A 161 -15.59 18.08 10.90
CA THR A 161 -14.34 17.37 11.07
C THR A 161 -14.51 15.99 10.44
N GLY A 162 -13.78 15.74 9.36
CA GLY A 162 -14.03 14.56 8.54
C GLY A 162 -14.80 14.82 7.23
N ILE A 163 -14.67 13.90 6.28
CA ILE A 163 -15.43 13.96 5.02
C ILE A 163 -16.38 12.78 4.88
N VAL A 164 -17.68 13.07 4.87
CA VAL A 164 -18.77 12.07 4.67
C VAL A 164 -18.85 11.54 3.23
N ALA A 165 -19.16 10.25 3.04
CA ALA A 165 -19.17 9.68 1.68
C ALA A 165 -20.41 10.10 0.89
N VAL A 166 -21.56 9.74 1.42
CA VAL A 166 -22.82 10.23 0.88
C VAL A 166 -23.66 10.79 2.02
N LEU A 167 -24.17 12.00 1.81
CA LEU A 167 -25.04 12.61 2.80
C LEU A 167 -26.41 12.91 2.19
N GLY A 168 -27.47 12.59 2.89
CA GLY A 168 -28.82 12.87 2.40
C GLY A 168 -29.89 12.84 3.48
N ARG A 169 -31.15 12.76 3.02
CA ARG A 169 -32.31 12.68 3.91
C ARG A 169 -33.11 11.41 3.69
N ASP A 170 -33.88 11.00 4.67
CA ASP A 170 -34.81 9.89 4.46
C ASP A 170 -36.25 10.42 4.38
N SER A 171 -37.20 9.53 4.13
CA SER A 171 -38.60 9.96 3.90
C SER A 171 -39.28 10.57 5.14
N ASP A 172 -38.76 10.29 6.32
CA ASP A 172 -39.35 10.74 7.59
C ASP A 172 -38.70 12.02 8.12
N GLY A 173 -37.85 12.64 7.30
CA GLY A 173 -37.22 13.89 7.67
C GLY A 173 -35.96 13.80 8.55
N ASN A 174 -35.45 12.59 8.70
CA ASN A 174 -34.16 12.36 9.32
C ASN A 174 -33.02 12.68 8.34
N ILE A 175 -31.86 13.00 8.88
CA ILE A 175 -30.66 13.17 8.07
C ILE A 175 -29.90 11.85 7.97
N VAL A 176 -29.42 11.52 6.79
CA VAL A 176 -28.80 10.21 6.63
C VAL A 176 -27.35 10.28 6.15
N VAL A 177 -26.44 9.85 7.02
CA VAL A 177 -25.06 9.57 6.64
C VAL A 177 -24.87 8.16 6.08
N LEU A 178 -24.27 8.06 4.90
CA LEU A 178 -23.80 6.76 4.39
C LEU A 178 -22.27 6.64 4.51
N GLU A 179 -21.80 5.50 5.00
CA GLU A 179 -20.40 5.13 4.84
C GLU A 179 -20.37 3.95 3.89
N LEU A 180 -19.64 4.08 2.78
CA LEU A 180 -19.53 3.01 1.78
C LEU A 180 -18.25 2.24 1.87
N LYS A 181 -18.36 0.92 1.67
CA LYS A 181 -17.18 0.05 1.55
C LYS A 181 -17.34 -0.96 0.41
N ARG A 182 -16.28 -1.12 -0.38
CA ARG A 182 -16.27 -1.99 -1.58
C ARG A 182 -16.04 -3.47 -1.27
N ARG A 183 -15.60 -3.75 -0.05
CA ARG A 183 -15.33 -5.09 0.47
C ARG A 183 -15.91 -5.15 1.90
N ARG A 184 -15.78 -6.31 2.56
CA ARG A 184 -16.29 -6.51 3.91
C ARG A 184 -15.80 -5.38 4.81
N ALA A 185 -16.74 -4.79 5.57
CA ALA A 185 -16.45 -3.63 6.38
C ALA A 185 -15.81 -4.02 7.70
N GLU A 186 -14.92 -3.15 8.18
CA GLU A 186 -14.12 -3.40 9.38
C GLU A 186 -14.48 -2.43 10.50
N LEU A 187 -13.86 -2.62 11.67
CA LEU A 187 -13.99 -1.65 12.77
C LEU A 187 -13.72 -0.21 12.33
N HIS A 188 -12.65 -0.06 11.56
CA HIS A 188 -12.26 1.18 10.90
C HIS A 188 -13.48 1.88 10.26
N ALA A 189 -14.35 1.10 9.62
CA ALA A 189 -15.53 1.62 8.93
C ALA A 189 -16.63 2.13 9.89
N VAL A 190 -16.82 1.42 10.99
CA VAL A 190 -17.88 1.81 11.90
C VAL A 190 -17.44 3.00 12.73
N ARG A 191 -16.15 3.10 13.04
CA ARG A 191 -15.60 4.27 13.71
C ARG A 191 -15.75 5.52 12.85
N GLN A 192 -15.48 5.38 11.56
CA GLN A 192 -15.72 6.47 10.63
C GLN A 192 -17.19 6.89 10.75
N LEU A 193 -18.11 5.94 10.55
CA LEU A 193 -19.54 6.24 10.54
C LEU A 193 -19.95 6.90 11.85
N LYS A 194 -19.69 6.21 12.96
CA LYS A 194 -19.99 6.73 14.29
C LYS A 194 -19.45 8.14 14.54
N SER A 195 -18.31 8.47 13.95
CA SER A 195 -17.75 9.79 14.12
C SER A 195 -18.63 10.80 13.39
N TYR A 196 -18.97 10.50 12.16
CA TYR A 196 -19.74 11.41 11.32
C TYR A 196 -21.11 11.67 11.92
N VAL A 197 -21.72 10.59 12.41
CA VAL A 197 -23.06 10.66 12.94
C VAL A 197 -23.06 11.52 14.18
N GLU A 198 -21.96 11.47 14.93
CA GLU A 198 -21.85 12.24 16.15
C GLU A 198 -21.76 13.72 15.84
N ILE A 199 -20.82 14.06 14.97
CA ILE A 199 -20.57 15.44 14.60
C ILE A 199 -21.80 16.10 13.96
N LEU A 200 -22.60 15.34 13.23
CA LEU A 200 -23.86 15.83 12.67
C LEU A 200 -25.01 15.92 13.69
N ARG A 201 -25.05 15.03 14.70
CA ARG A 201 -26.05 15.15 15.78
C ARG A 201 -25.83 16.43 16.60
N GLU A 202 -24.56 16.86 16.68
CA GLU A 202 -24.21 18.12 17.32
C GLU A 202 -25.06 19.28 16.80
N GLU A 203 -25.32 19.27 15.48
CA GLU A 203 -26.15 20.30 14.89
C GLU A 203 -27.62 19.88 14.82
N TYR A 204 -27.94 18.90 14.01
CA TYR A 204 -29.33 18.62 13.65
C TYR A 204 -30.05 17.72 14.69
N GLY A 205 -29.38 17.41 15.80
CA GLY A 205 -30.02 16.69 16.90
C GLY A 205 -30.22 15.21 16.65
N ASP A 206 -31.36 14.67 17.09
CA ASP A 206 -31.59 13.22 17.06
C ASP A 206 -32.07 12.72 15.72
N LYS A 207 -32.13 13.63 14.76
CA LYS A 207 -32.66 13.32 13.44
C LYS A 207 -31.62 12.68 12.51
N VAL A 208 -30.45 12.32 13.03
CA VAL A 208 -29.43 11.69 12.18
C VAL A 208 -29.38 10.16 12.27
N ARG A 209 -29.41 9.51 11.12
CA ARG A 209 -29.15 8.07 11.03
C ARG A 209 -27.82 7.83 10.33
N GLY A 210 -26.98 6.93 10.88
CA GLY A 210 -25.90 6.37 10.11
C GLY A 210 -26.24 5.04 9.43
N ILE A 211 -25.80 4.88 8.19
CA ILE A 211 -26.01 3.63 7.49
C ILE A 211 -24.67 3.13 6.93
N LEU A 212 -24.29 1.92 7.31
CA LEU A 212 -23.07 1.32 6.76
C LEU A 212 -23.46 0.44 5.59
N VAL A 213 -22.90 0.76 4.44
CA VAL A 213 -23.25 0.13 3.18
C VAL A 213 -22.02 -0.57 2.55
N ALA A 214 -22.15 -1.87 2.38
CA ALA A 214 -21.02 -2.73 2.06
C ALA A 214 -21.57 -4.12 1.82
N PRO A 215 -20.78 -4.99 1.18
CA PRO A 215 -21.17 -6.39 0.93
C PRO A 215 -21.34 -7.26 2.20
N SER A 216 -20.66 -6.92 3.29
CA SER A 216 -20.73 -7.65 4.56
C SER A 216 -19.99 -6.90 5.67
N LEU A 217 -19.93 -7.54 6.84
CA LEU A 217 -19.30 -6.98 8.04
C LEU A 217 -18.43 -8.01 8.75
N THR A 218 -17.30 -7.57 9.28
CA THR A 218 -16.59 -8.44 10.20
C THR A 218 -17.42 -8.54 11.46
N SER A 219 -17.12 -9.53 12.29
CA SER A 219 -17.78 -9.72 13.56
C SER A 219 -17.80 -8.45 14.42
N GLY A 220 -16.61 -7.89 14.65
CA GLY A 220 -16.45 -6.74 15.52
C GLY A 220 -17.22 -5.54 15.02
N ALA A 221 -17.18 -5.36 13.71
CA ALA A 221 -17.85 -4.24 13.08
C ALA A 221 -19.34 -4.39 13.28
N LYS A 222 -19.83 -5.63 13.15
CA LYS A 222 -21.23 -5.94 13.42
C LYS A 222 -21.56 -5.65 14.88
N ARG A 223 -20.79 -6.25 15.79
CA ARG A 223 -20.91 -5.99 17.23
C ARG A 223 -20.99 -4.49 17.53
N LEU A 224 -19.95 -3.74 17.17
CA LEU A 224 -19.96 -2.29 17.38
C LEU A 224 -21.08 -1.55 16.65
N LEU A 225 -21.50 -2.05 15.49
CA LEU A 225 -22.54 -1.37 14.74
C LEU A 225 -23.80 -1.38 15.57
N GLU A 226 -24.24 -2.57 15.95
CA GLU A 226 -25.39 -2.74 16.81
C GLU A 226 -25.33 -1.92 18.09
N LYS A 227 -24.23 -2.01 18.81
CA LYS A 227 -24.08 -1.32 20.07
C LYS A 227 -24.41 0.17 19.97
N GLU A 228 -23.76 0.92 19.09
CA GLU A 228 -24.02 2.37 19.01
C GLU A 228 -25.24 2.64 18.15
N GLY A 229 -25.94 1.56 17.81
CA GLY A 229 -27.23 1.63 17.16
C GLY A 229 -27.23 2.18 15.73
N LEU A 230 -26.25 1.78 14.91
CA LEU A 230 -26.24 2.25 13.53
C LEU A 230 -26.83 1.13 12.67
N GLU A 231 -26.99 1.38 11.37
CA GLU A 231 -27.69 0.44 10.48
C GLU A 231 -26.81 -0.20 9.37
N PHE A 232 -27.39 -1.13 8.60
CA PHE A 232 -26.67 -1.81 7.52
C PHE A 232 -27.52 -2.11 6.27
N ARG A 233 -26.99 -1.80 5.10
CA ARG A 233 -27.56 -2.29 3.83
C ARG A 233 -26.48 -3.09 3.14
N LYS A 234 -26.73 -4.37 2.85
CA LYS A 234 -25.76 -5.13 2.11
C LYS A 234 -25.81 -4.61 0.67
N LEU A 235 -24.66 -4.19 0.14
CA LEU A 235 -24.56 -3.79 -1.26
C LEU A 235 -23.18 -4.15 -1.84
N GLU A 236 -23.16 -4.82 -2.99
CA GLU A 236 -21.91 -5.11 -3.68
C GLU A 236 -21.57 -4.00 -4.68
N PRO A 237 -20.28 -3.68 -4.84
CA PRO A 237 -20.03 -2.67 -5.88
C PRO A 237 -20.39 -3.25 -7.24
N PRO A 238 -20.98 -2.44 -8.12
CA PRO A 238 -21.26 -2.87 -9.50
C PRO A 238 -19.99 -3.00 -10.32
N LYS A 239 -19.92 -3.99 -11.20
CA LYS A 239 -18.87 -4.00 -12.22
C LYS A 239 -19.54 -3.71 -13.54
N ARG A 240 -19.07 -2.68 -14.24
CA ARG A 240 -19.69 -2.23 -15.49
C ARG A 240 -18.74 -2.42 -16.67
N SER B 2 21.86 -23.14 -17.77
CA SER B 2 20.72 -23.08 -16.87
C SER B 2 21.13 -23.09 -15.39
N LYS B 3 22.43 -23.06 -15.11
CA LYS B 3 22.91 -22.62 -13.79
C LYS B 3 23.46 -21.19 -13.80
N ASP B 4 23.51 -20.53 -14.95
CA ASP B 4 23.90 -19.12 -15.01
C ASP B 4 22.82 -18.25 -14.33
N LYS B 5 23.25 -17.30 -13.50
CA LYS B 5 22.31 -16.43 -12.75
C LYS B 5 21.27 -15.83 -13.66
N VAL B 6 21.72 -15.42 -14.85
CA VAL B 6 20.87 -14.71 -15.78
C VAL B 6 20.83 -15.39 -17.13
N THR B 7 19.64 -15.41 -17.72
CA THR B 7 19.45 -15.80 -19.11
C THR B 7 18.54 -14.75 -19.78
N VAL B 8 18.93 -14.25 -20.95
CA VAL B 8 18.24 -13.11 -21.58
C VAL B 8 18.05 -13.30 -23.06
N ILE B 9 16.90 -12.90 -23.58
CA ILE B 9 16.73 -12.95 -25.01
C ILE B 9 15.96 -11.71 -25.44
N THR B 10 16.52 -10.99 -26.41
CA THR B 10 15.81 -9.86 -27.01
C THR B 10 15.15 -10.35 -28.29
N SER B 11 13.99 -9.76 -28.59
CA SER B 11 13.11 -10.18 -29.68
C SER B 11 13.11 -11.67 -29.76
N PRO B 12 12.59 -12.34 -28.74
CA PRO B 12 12.57 -13.81 -28.74
C PRO B 12 11.51 -14.41 -29.68
N SER B 13 11.82 -15.57 -30.24
CA SER B 13 10.84 -16.33 -31.00
C SER B 13 9.88 -16.97 -30.03
N THR B 14 8.72 -17.37 -30.54
CA THR B 14 7.76 -18.07 -29.71
C THR B 14 8.39 -19.26 -28.97
N GLU B 15 9.22 -20.02 -29.66
CA GLU B 15 9.89 -21.16 -29.03
C GLU B 15 10.73 -20.71 -27.84
N GLU B 16 11.59 -19.72 -28.06
CA GLU B 16 12.47 -19.25 -27.00
C GLU B 16 11.70 -18.66 -25.83
N LEU B 17 10.66 -17.87 -26.11
CA LEU B 17 9.74 -17.36 -25.09
C LEU B 17 9.25 -18.48 -24.18
N VAL B 18 8.50 -19.41 -24.75
CA VAL B 18 8.02 -20.58 -24.03
C VAL B 18 9.10 -21.29 -23.24
N SER B 19 10.28 -21.39 -23.83
CA SER B 19 11.35 -22.07 -23.18
C SER B 19 11.75 -21.37 -21.87
N LEU B 20 11.92 -20.06 -21.92
CA LEU B 20 12.40 -19.34 -20.75
C LEU B 20 11.28 -19.17 -19.73
N VAL B 21 10.15 -18.65 -20.21
CA VAL B 21 8.99 -18.49 -19.38
C VAL B 21 8.68 -19.76 -18.60
N ASN B 22 8.63 -20.89 -19.29
CA ASN B 22 8.29 -22.11 -18.61
C ASN B 22 9.39 -22.62 -17.74
N SER B 23 10.64 -22.38 -18.13
CA SER B 23 11.75 -22.84 -17.30
C SER B 23 11.72 -22.10 -15.96
N ALA B 24 11.71 -20.76 -16.00
CA ALA B 24 11.63 -19.94 -14.77
C ALA B 24 10.49 -20.31 -13.83
N LEU B 25 9.28 -20.52 -14.34
CA LEU B 25 8.14 -20.92 -13.51
C LEU B 25 8.40 -22.23 -12.76
N LEU B 26 9.02 -23.17 -13.46
CA LEU B 26 9.31 -24.45 -12.84
C LEU B 26 10.62 -24.38 -12.05
N GLU B 27 11.46 -23.40 -12.32
CA GLU B 27 12.78 -23.38 -11.68
C GLU B 27 12.77 -22.55 -10.42
N GLU B 28 11.60 -22.06 -10.03
CA GLU B 28 11.46 -21.19 -8.86
C GLU B 28 12.46 -20.04 -8.99
N ALA B 29 12.36 -19.31 -10.09
CA ALA B 29 13.27 -18.22 -10.42
C ALA B 29 12.43 -17.01 -10.82
N MET B 30 13.06 -15.84 -10.90
CA MET B 30 12.34 -14.62 -11.26
C MET B 30 12.25 -14.41 -12.76
N LEU B 31 11.04 -14.19 -13.25
CA LEU B 31 10.81 -13.92 -14.66
C LEU B 31 10.61 -12.42 -14.92
N THR B 32 11.45 -11.80 -15.73
CA THR B 32 11.22 -10.41 -16.11
C THR B 32 11.04 -10.29 -17.62
N ILE B 33 10.03 -9.52 -18.03
CA ILE B 33 9.73 -9.32 -19.45
C ILE B 33 9.48 -7.83 -19.78
N PHE B 34 9.99 -7.37 -20.93
CA PHE B 34 9.61 -6.08 -21.47
C PHE B 34 8.80 -6.35 -22.72
N ALA B 35 7.55 -5.88 -22.76
CA ALA B 35 6.61 -6.20 -23.87
C ALA B 35 5.55 -5.12 -24.13
N ARG B 36 4.99 -5.03 -25.34
CA ARG B 36 3.79 -4.21 -25.52
C ARG B 36 2.68 -5.19 -25.30
N CYS B 37 1.74 -4.83 -24.44
CA CYS B 37 0.79 -5.79 -23.92
C CYS B 37 -0.54 -5.11 -23.71
N LYS B 38 -1.58 -5.94 -23.65
CA LYS B 38 -2.88 -5.55 -23.15
C LYS B 38 -3.03 -6.35 -21.85
N VAL B 39 -3.75 -5.80 -20.86
CA VAL B 39 -3.97 -6.50 -19.58
C VAL B 39 -5.45 -6.60 -19.21
N HIS B 40 -5.84 -7.76 -18.69
CA HIS B 40 -7.22 -8.06 -18.35
C HIS B 40 -7.29 -8.59 -16.94
N TYR B 41 -8.04 -7.91 -16.08
CA TYR B 41 -8.16 -8.30 -14.67
C TYR B 41 -9.62 -8.46 -14.25
N ASP B 42 -9.92 -9.61 -13.67
CA ASP B 42 -11.20 -9.88 -13.05
C ASP B 42 -10.94 -10.67 -11.78
N GLY B 43 -11.57 -10.26 -10.71
CA GLY B 43 -11.11 -10.59 -9.38
C GLY B 43 -11.96 -9.76 -8.46
N ARG B 44 -11.38 -9.37 -7.33
CA ARG B 44 -12.03 -8.45 -6.43
C ARG B 44 -12.63 -7.25 -7.15
N ALA B 45 -11.91 -6.68 -8.09
CA ALA B 45 -12.52 -5.69 -8.99
C ALA B 45 -12.27 -6.12 -10.43
N LYS B 46 -12.55 -5.23 -11.37
CA LYS B 46 -12.43 -5.56 -12.79
C LYS B 46 -11.78 -4.40 -13.54
N SER B 47 -10.82 -4.69 -14.42
CA SER B 47 -10.12 -3.62 -15.12
C SER B 47 -9.64 -4.05 -16.49
N GLU B 48 -9.51 -3.08 -17.38
CA GLU B 48 -8.97 -3.27 -18.70
C GLU B 48 -7.85 -2.25 -18.94
N LEU B 49 -6.74 -2.70 -19.51
CA LEU B 49 -5.62 -1.83 -19.84
C LEU B 49 -5.26 -1.99 -21.31
N GLY B 50 -5.46 -0.93 -22.09
CA GLY B 50 -5.14 -0.97 -23.50
C GLY B 50 -3.68 -1.22 -23.80
N SER B 51 -3.39 -1.44 -25.08
CA SER B 51 -2.06 -1.83 -25.56
C SER B 51 -0.97 -0.82 -25.19
N GLY B 52 0.19 -1.30 -24.74
CA GLY B 52 1.30 -0.40 -24.37
C GLY B 52 2.50 -1.10 -23.78
N ASP B 53 3.65 -0.42 -23.71
CA ASP B 53 4.88 -1.02 -23.15
C ASP B 53 4.93 -1.02 -21.62
N ARG B 54 5.24 -2.16 -21.02
CA ARG B 54 5.36 -2.28 -19.57
C ARG B 54 6.42 -3.30 -19.14
N VAL B 55 6.85 -3.25 -17.88
CA VAL B 55 7.75 -4.26 -17.37
C VAL B 55 6.91 -5.29 -16.61
N ILE B 56 7.24 -6.56 -16.78
CA ILE B 56 6.46 -7.61 -16.17
C ILE B 56 7.36 -8.53 -15.37
N ILE B 57 6.93 -8.80 -14.13
CA ILE B 57 7.70 -9.64 -13.22
C ILE B 57 6.80 -10.71 -12.63
N VAL B 58 7.27 -11.97 -12.70
CA VAL B 58 6.62 -13.07 -12.02
C VAL B 58 7.63 -13.68 -11.06
N LYS B 59 7.36 -13.55 -9.77
CA LYS B 59 8.25 -14.07 -8.74
C LYS B 59 7.91 -15.55 -8.42
N PRO B 60 8.91 -16.32 -7.98
CA PRO B 60 8.68 -17.74 -7.72
C PRO B 60 7.58 -18.00 -6.69
N ASP B 61 7.18 -16.99 -5.92
CA ASP B 61 6.15 -17.16 -4.90
C ASP B 61 4.74 -16.87 -5.44
N GLY B 62 4.64 -16.56 -6.72
CA GLY B 62 3.35 -16.25 -7.31
C GLY B 62 3.04 -14.79 -7.60
N SER B 63 3.77 -13.88 -6.97
CA SER B 63 3.57 -12.46 -7.18
C SER B 63 3.74 -12.10 -8.64
N PHE B 64 2.83 -11.29 -9.14
CA PHE B 64 2.72 -11.01 -10.55
C PHE B 64 2.57 -9.49 -10.67
N LEU B 65 3.53 -8.84 -11.33
CA LEU B 65 3.52 -7.38 -11.40
C LEU B 65 3.51 -6.86 -12.83
N ILE B 66 2.67 -5.87 -13.10
CA ILE B 66 2.81 -5.12 -14.34
C ILE B 66 3.08 -3.67 -13.96
N HIS B 67 4.25 -3.15 -14.35
CA HIS B 67 4.64 -1.76 -14.09
C HIS B 67 4.65 -0.85 -15.33
N GLN B 68 3.92 0.26 -15.30
CA GLN B 68 4.07 1.26 -16.36
C GLN B 68 5.30 2.12 -16.09
N SER B 69 5.63 3.02 -17.02
CA SER B 69 6.82 3.83 -16.91
C SER B 69 6.71 4.82 -15.74
N LYS B 70 5.55 4.89 -15.11
CA LYS B 70 5.35 5.78 -13.97
C LYS B 70 4.81 5.11 -12.74
N LYS B 71 4.71 5.94 -11.73
CA LYS B 71 4.36 5.68 -10.35
C LYS B 71 5.21 4.66 -9.59
N ARG B 72 4.78 4.28 -8.38
CA ARG B 72 5.59 3.36 -7.58
C ARG B 72 4.87 2.02 -7.48
N GLU B 73 3.61 2.08 -7.86
CA GLU B 73 2.72 0.97 -7.81
C GLU B 73 2.61 0.30 -9.19
N PRO B 74 2.64 -1.02 -9.21
CA PRO B 74 2.22 -1.69 -10.44
C PRO B 74 0.82 -1.22 -10.90
N VAL B 75 0.64 -1.00 -12.21
CA VAL B 75 -0.70 -0.71 -12.74
C VAL B 75 -1.69 -1.90 -12.51
N ASN B 76 -1.21 -3.12 -12.70
CA ASN B 76 -1.93 -4.35 -12.37
C ASN B 76 -1.03 -5.34 -11.62
N TRP B 77 -1.62 -6.16 -10.75
CA TRP B 77 -0.84 -7.16 -10.03
C TRP B 77 -1.66 -8.31 -9.56
N GLN B 78 -0.97 -9.37 -9.18
CA GLN B 78 -1.58 -10.38 -8.32
C GLN B 78 -0.60 -10.65 -7.16
N PRO B 79 -1.14 -10.88 -5.95
CA PRO B 79 -0.21 -10.99 -4.82
C PRO B 79 0.27 -12.41 -4.59
N PRO B 80 1.20 -12.59 -3.64
CA PRO B 80 1.84 -13.91 -3.53
C PRO B 80 0.82 -15.06 -3.35
N GLY B 81 1.05 -16.20 -4.01
CA GLY B 81 0.10 -17.30 -3.98
C GLY B 81 -0.67 -17.63 -5.26
N SER B 82 -0.71 -16.72 -6.23
CA SER B 82 -1.34 -17.09 -7.50
C SER B 82 -0.49 -18.13 -8.23
N ARG B 83 -1.13 -18.78 -9.19
CA ARG B 83 -0.53 -19.85 -9.98
C ARG B 83 -0.45 -19.25 -11.34
N VAL B 84 0.76 -19.17 -11.93
CA VAL B 84 0.91 -18.54 -13.24
C VAL B 84 1.28 -19.52 -14.34
N ARG B 85 0.74 -19.30 -15.53
CA ARG B 85 1.02 -20.19 -16.64
C ARG B 85 1.01 -19.40 -17.95
N LEU B 86 1.94 -19.69 -18.86
CA LEU B 86 1.90 -19.10 -20.19
C LEU B 86 0.96 -19.92 -21.05
N GLU B 87 0.20 -19.27 -21.92
CA GLU B 87 -0.86 -19.89 -22.70
C GLU B 87 -0.79 -19.39 -24.11
N LEU B 88 -0.61 -20.30 -25.07
CA LEU B 88 -0.48 -19.89 -26.46
C LEU B 88 -1.84 -19.76 -27.12
N ARG B 89 -2.09 -18.58 -27.67
CA ARG B 89 -3.38 -18.16 -28.21
C ARG B 89 -3.02 -17.31 -29.41
N GLU B 90 -3.91 -16.46 -29.91
CA GLU B 90 -3.54 -15.62 -31.07
C GLU B 90 -2.24 -14.86 -30.77
N ASN B 91 -2.04 -14.52 -29.50
CA ASN B 91 -0.75 -14.07 -28.95
C ASN B 91 -0.43 -14.87 -27.71
N PRO B 92 0.84 -14.85 -27.28
CA PRO B 92 1.05 -15.51 -25.99
C PRO B 92 0.23 -14.80 -24.91
N VAL B 93 -0.26 -15.55 -23.92
CA VAL B 93 -0.98 -14.92 -22.83
C VAL B 93 -0.49 -15.50 -21.51
N LEU B 94 0.03 -14.59 -20.68
CA LEU B 94 0.50 -14.88 -19.33
C LEU B 94 -0.68 -14.82 -18.40
N VAL B 95 -0.98 -15.91 -17.68
CA VAL B 95 -2.24 -15.99 -16.94
C VAL B 95 -2.05 -16.32 -15.48
N SER B 96 -2.56 -15.44 -14.62
CA SER B 96 -2.45 -15.63 -13.17
C SER B 96 -3.78 -16.00 -12.60
N ILE B 97 -3.85 -17.12 -11.90
CA ILE B 97 -5.11 -17.52 -11.26
C ILE B 97 -4.99 -17.70 -9.74
N ARG B 98 -6.04 -17.31 -9.02
CA ARG B 98 -6.18 -17.46 -7.56
C ARG B 98 -7.60 -17.90 -7.18
N ARG B 99 -7.77 -18.80 -6.21
CA ARG B 99 -9.16 -19.13 -5.86
C ARG B 99 -9.76 -18.59 -4.54
N LYS B 100 -8.97 -18.00 -3.63
CA LYS B 100 -9.63 -17.29 -2.51
C LYS B 100 -8.90 -16.01 -2.13
N PRO B 101 -9.37 -14.88 -2.67
CA PRO B 101 -10.57 -14.76 -3.50
C PRO B 101 -10.33 -15.21 -4.92
N ARG B 102 -11.37 -15.53 -5.67
CA ARG B 102 -11.17 -15.96 -7.04
C ARG B 102 -10.82 -14.72 -7.84
N GLU B 103 -9.63 -14.75 -8.45
CA GLU B 103 -9.11 -13.65 -9.24
C GLU B 103 -8.34 -14.20 -10.44
N THR B 104 -8.50 -13.53 -11.58
CA THR B 104 -7.76 -13.81 -12.80
C THR B 104 -7.02 -12.58 -13.31
N LEU B 105 -5.73 -12.75 -13.63
CA LEU B 105 -4.99 -11.66 -14.28
C LEU B 105 -4.49 -12.17 -15.62
N GLU B 106 -4.86 -11.50 -16.72
CA GLU B 106 -4.41 -11.90 -18.05
C GLU B 106 -3.52 -10.85 -18.70
N VAL B 107 -2.27 -11.21 -18.96
CA VAL B 107 -1.40 -10.35 -19.75
C VAL B 107 -1.17 -10.86 -21.20
N GLU B 108 -1.57 -10.08 -22.18
CA GLU B 108 -1.46 -10.56 -23.55
C GLU B 108 -0.26 -9.93 -24.26
N LEU B 109 0.69 -10.75 -24.66
CA LEU B 109 1.95 -10.26 -25.20
C LEU B 109 1.86 -10.09 -26.72
N GLU B 110 1.76 -8.84 -27.15
CA GLU B 110 1.72 -8.49 -28.55
C GLU B 110 3.11 -8.52 -29.16
N GLU B 111 4.05 -7.86 -28.48
CA GLU B 111 5.44 -8.02 -28.84
C GLU B 111 6.25 -8.13 -27.58
N VAL B 112 6.99 -9.22 -27.43
CA VAL B 112 7.99 -9.29 -26.39
C VAL B 112 9.34 -8.75 -26.88
N TYR B 113 9.81 -7.65 -26.29
CA TYR B 113 11.15 -7.15 -26.59
C TYR B 113 12.21 -7.90 -25.82
N MET B 114 11.91 -8.27 -24.58
CA MET B 114 12.85 -9.05 -23.80
C MET B 114 12.19 -10.00 -22.82
N VAL B 115 12.75 -11.20 -22.70
CA VAL B 115 12.38 -12.13 -21.64
C VAL B 115 13.65 -12.55 -20.93
N SER B 116 13.57 -12.80 -19.63
CA SER B 116 14.77 -13.08 -18.85
C SER B 116 14.52 -13.92 -17.58
N VAL B 117 15.53 -14.69 -17.20
CA VAL B 117 15.42 -15.53 -16.02
C VAL B 117 16.54 -15.16 -15.07
N PHE B 118 16.16 -14.79 -13.87
CA PHE B 118 17.10 -14.35 -12.88
C PHE B 118 16.99 -15.36 -11.74
N ARG B 119 18.04 -16.14 -11.54
CA ARG B 119 18.00 -17.13 -10.48
C ARG B 119 18.70 -16.49 -9.31
N ALA B 120 17.89 -15.96 -8.42
CA ALA B 120 18.39 -15.00 -7.48
C ALA B 120 18.55 -15.69 -6.16
N GLU B 121 19.72 -15.50 -5.56
CA GLU B 121 20.05 -16.10 -4.29
C GLU B 121 20.02 -15.01 -3.21
N ASP B 122 19.05 -15.05 -2.30
CA ASP B 122 18.97 -14.04 -1.24
C ASP B 122 18.62 -14.63 0.14
N TYR B 123 19.57 -14.62 1.06
CA TYR B 123 19.31 -15.18 2.38
C TYR B 123 19.04 -14.11 3.43
N GLU B 124 19.02 -12.85 2.99
CA GLU B 124 19.06 -11.73 3.91
C GLU B 124 17.73 -11.00 4.10
N GLU B 125 17.51 -10.42 5.28
CA GLU B 125 16.23 -9.75 5.55
C GLU B 125 16.39 -8.30 5.92
N LEU B 126 15.33 -7.52 5.65
CA LEU B 126 15.37 -6.11 5.98
C LEU B 126 15.43 -5.95 7.48
N ALA B 127 16.31 -5.06 7.96
CA ALA B 127 16.33 -4.63 9.35
C ALA B 127 15.97 -3.15 9.44
N LEU B 128 14.78 -2.87 9.95
CA LEU B 128 14.23 -1.52 9.94
C LEU B 128 13.99 -0.97 11.34
N THR B 129 14.29 0.30 11.51
CA THR B 129 14.05 0.95 12.78
C THR B 129 13.27 2.25 12.53
N GLY B 130 12.73 2.85 13.58
CA GLY B 130 11.84 3.99 13.46
C GLY B 130 10.37 3.63 13.21
N SER B 131 9.94 2.50 13.76
CA SER B 131 8.58 1.99 13.55
C SER B 131 7.70 2.30 14.78
N GLU B 132 6.41 1.92 14.74
CA GLU B 132 5.56 2.06 15.94
C GLU B 132 6.06 1.11 17.01
N ALA B 133 6.43 -0.10 16.58
CA ALA B 133 6.94 -1.16 17.48
C ALA B 133 8.10 -0.65 18.28
N GLU B 134 9.00 0.07 17.60
CA GLU B 134 10.15 0.69 18.24
C GLU B 134 9.78 1.77 19.27
N MET B 135 8.74 2.57 19.01
CA MET B 135 8.22 3.50 20.02
C MET B 135 7.72 2.72 21.24
N ALA B 136 7.03 1.62 20.98
CA ALA B 136 6.42 0.86 22.05
C ALA B 136 7.50 0.30 22.95
N GLU B 137 8.59 -0.14 22.33
CA GLU B 137 9.75 -0.60 23.10
C GLU B 137 10.28 0.55 23.95
N LEU B 138 10.54 1.70 23.36
CA LEU B 138 11.13 2.82 24.10
C LEU B 138 10.28 3.24 25.29
N ILE B 139 8.98 3.12 25.16
CA ILE B 139 8.07 3.55 26.21
C ILE B 139 8.10 2.54 27.36
N PHE B 140 8.21 1.24 27.06
CA PHE B 140 8.32 0.27 28.14
C PHE B 140 9.70 0.31 28.82
N GLU B 141 10.78 0.59 28.09
CA GLU B 141 12.12 0.68 28.72
C GLU B 141 12.21 1.92 29.58
N ASN B 142 11.58 3.01 29.14
CA ASN B 142 11.67 4.29 29.81
C ASN B 142 10.37 5.11 29.80
N PRO B 143 9.41 4.75 30.66
CA PRO B 143 8.07 5.37 30.66
C PRO B 143 8.09 6.85 30.94
N GLU B 144 9.21 7.34 31.44
CA GLU B 144 9.45 8.76 31.69
C GLU B 144 9.08 9.65 30.49
N VAL B 145 9.16 9.09 29.29
CA VAL B 145 8.93 9.85 28.06
C VAL B 145 7.46 10.26 27.90
N ILE B 146 6.56 9.43 28.43
CA ILE B 146 5.15 9.77 28.44
C ILE B 146 4.94 10.82 29.54
N GLU B 147 5.20 10.44 30.79
CA GLU B 147 5.14 11.36 31.93
C GLU B 147 5.60 10.68 33.22
N PRO B 148 6.03 11.49 34.20
CA PRO B 148 6.43 10.98 35.51
C PRO B 148 5.40 10.07 36.16
N GLY B 149 5.86 8.90 36.57
CA GLY B 149 5.00 7.94 37.24
C GLY B 149 4.16 7.06 36.33
N PHE B 150 4.34 7.19 35.03
CA PHE B 150 3.59 6.32 34.14
C PHE B 150 4.08 4.89 34.24
N LYS B 151 3.17 3.96 34.51
CA LYS B 151 3.56 2.54 34.48
C LYS B 151 2.83 1.85 33.33
N PRO B 152 3.57 1.53 32.25
CA PRO B 152 3.06 0.72 31.15
C PRO B 152 2.87 -0.73 31.59
N LEU B 153 1.83 -1.39 31.10
CA LEU B 153 1.50 -2.74 31.51
C LEU B 153 1.34 -3.65 30.30
N PHE B 154 0.37 -3.36 29.46
CA PHE B 154 0.07 -4.24 28.34
C PHE B 154 0.38 -3.61 26.99
N ARG B 155 0.87 -4.42 26.06
CA ARG B 155 1.14 -3.98 24.69
C ARG B 155 0.18 -4.74 23.76
N GLU B 156 -0.42 -4.02 22.82
CA GLU B 156 -1.39 -4.61 21.87
C GLU B 156 -2.47 -5.39 22.62
N LYS B 157 -3.16 -4.74 23.54
CA LYS B 157 -4.13 -5.42 24.38
C LYS B 157 -5.53 -5.46 23.76
N ALA B 158 -6.09 -6.66 23.67
CA ALA B 158 -7.50 -6.76 23.32
C ALA B 158 -8.34 -6.15 24.43
N ILE B 159 -9.24 -5.26 24.04
CA ILE B 159 -10.38 -4.90 24.87
C ILE B 159 -11.54 -5.49 24.09
N GLY B 160 -12.77 -5.23 24.50
CA GLY B 160 -13.89 -5.96 23.89
C GLY B 160 -14.01 -5.77 22.40
N THR B 161 -13.81 -4.54 21.95
CA THR B 161 -13.80 -4.20 20.54
C THR B 161 -12.63 -3.29 20.22
N GLY B 162 -11.70 -3.79 19.38
CA GLY B 162 -10.46 -3.08 19.12
C GLY B 162 -9.28 -3.64 19.89
N ILE B 163 -8.08 -3.15 19.56
CA ILE B 163 -6.84 -3.53 20.25
C ILE B 163 -6.02 -2.28 20.48
N VAL B 164 -5.74 -2.03 21.76
CA VAL B 164 -5.04 -0.81 22.16
C VAL B 164 -3.55 -1.06 22.06
N ALA B 165 -2.80 -0.04 21.63
CA ALA B 165 -1.38 -0.20 21.45
C ALA B 165 -0.71 -0.40 22.81
N VAL B 166 -1.01 0.45 23.77
CA VAL B 166 -0.50 0.27 25.13
C VAL B 166 -1.52 0.65 26.19
N LEU B 167 -1.73 -0.24 27.13
CA LEU B 167 -2.58 0.04 28.29
C LEU B 167 -1.72 0.13 29.54
N GLY B 168 -1.96 1.13 30.38
CA GLY B 168 -1.07 1.41 31.50
C GLY B 168 -1.80 2.10 32.63
N ARG B 169 -1.05 2.52 33.65
CA ARG B 169 -1.63 3.27 34.76
C ARG B 169 -0.78 4.49 35.08
N ASP B 170 -1.40 5.53 35.63
CA ASP B 170 -0.66 6.77 35.97
C ASP B 170 -0.45 6.96 37.45
N SER B 171 0.27 8.00 37.81
CA SER B 171 0.60 8.26 39.22
C SER B 171 -0.64 8.52 40.10
N ASP B 172 -1.79 8.85 39.51
CA ASP B 172 -3.06 8.95 40.26
C ASP B 172 -3.79 7.60 40.25
N GLY B 173 -3.14 6.57 39.73
CA GLY B 173 -3.75 5.24 39.72
C GLY B 173 -4.81 5.03 38.66
N ASN B 174 -4.91 5.96 37.72
CA ASN B 174 -5.82 5.84 36.58
C ASN B 174 -5.38 4.88 35.51
N ILE B 175 -6.37 4.39 34.78
CA ILE B 175 -6.14 3.65 33.55
C ILE B 175 -5.76 4.62 32.43
N VAL B 176 -4.65 4.35 31.76
CA VAL B 176 -4.24 5.17 30.62
C VAL B 176 -4.14 4.39 29.29
N VAL B 177 -4.79 4.88 28.25
CA VAL B 177 -4.59 4.33 26.91
C VAL B 177 -3.67 5.23 26.08
N LEU B 178 -2.65 4.63 25.47
CA LEU B 178 -1.84 5.33 24.47
C LEU B 178 -2.25 4.83 23.09
N GLU B 179 -2.42 5.72 22.10
CA GLU B 179 -2.31 5.31 20.68
C GLU B 179 -1.07 5.95 20.08
N LEU B 180 -0.16 5.10 19.60
CA LEU B 180 1.08 5.54 18.99
C LEU B 180 0.94 5.77 17.48
N LYS B 181 1.55 6.84 16.96
CA LYS B 181 1.78 6.96 15.52
C LYS B 181 3.22 7.36 15.22
N ARG B 182 3.84 6.70 14.22
CA ARG B 182 5.26 6.90 13.91
C ARG B 182 5.49 8.17 13.11
N ARG B 183 4.43 8.67 12.48
CA ARG B 183 4.46 9.92 11.76
C ARG B 183 3.35 10.83 12.29
N ARG B 184 3.15 11.98 11.68
CA ARG B 184 2.15 12.95 12.15
C ARG B 184 0.76 12.31 12.24
N ALA B 185 0.11 12.43 13.39
CA ALA B 185 -1.15 11.73 13.57
C ALA B 185 -2.27 12.47 12.87
N GLU B 186 -3.13 11.70 12.22
CA GLU B 186 -4.22 12.27 11.46
C GLU B 186 -5.52 12.07 12.21
N LEU B 187 -6.62 12.54 11.66
CA LEU B 187 -7.93 12.26 12.25
C LEU B 187 -8.16 10.81 12.67
N HIS B 188 -7.89 9.83 11.81
CA HIS B 188 -8.32 8.49 12.20
C HIS B 188 -7.58 7.97 13.43
N ALA B 189 -6.40 8.51 13.72
CA ALA B 189 -5.72 8.03 14.90
C ALA B 189 -6.58 8.44 16.09
N VAL B 190 -7.15 9.64 16.02
CA VAL B 190 -7.95 10.13 17.13
C VAL B 190 -9.20 9.29 17.27
N ARG B 191 -9.78 8.88 16.15
CA ARG B 191 -10.99 8.06 16.19
C ARG B 191 -10.68 6.75 16.89
N GLN B 192 -9.56 6.11 16.53
CA GLN B 192 -9.12 4.89 17.16
C GLN B 192 -9.07 5.10 18.66
N LEU B 193 -8.22 6.03 19.07
CA LEU B 193 -8.01 6.31 20.48
C LEU B 193 -9.32 6.61 21.17
N LYS B 194 -10.16 7.42 20.53
CA LYS B 194 -11.41 7.81 21.14
C LYS B 194 -12.31 6.63 21.34
N SER B 195 -12.32 5.73 20.36
CA SER B 195 -13.10 4.48 20.41
C SER B 195 -12.72 3.58 21.58
N TYR B 196 -11.43 3.33 21.72
CA TYR B 196 -10.86 2.59 22.83
C TYR B 196 -11.24 3.18 24.21
N VAL B 197 -11.28 4.50 24.29
CA VAL B 197 -11.45 5.18 25.54
C VAL B 197 -12.90 5.16 25.98
N GLU B 198 -13.82 5.37 25.03
CA GLU B 198 -15.25 5.23 25.28
C GLU B 198 -15.58 3.86 25.81
N ILE B 199 -14.94 2.85 25.21
CA ILE B 199 -15.16 1.46 25.60
C ILE B 199 -14.66 1.17 27.02
N LEU B 200 -13.49 1.68 27.37
CA LEU B 200 -12.97 1.42 28.69
C LEU B 200 -13.67 2.29 29.73
N ARG B 201 -14.20 3.45 29.33
CA ARG B 201 -14.87 4.32 30.31
C ARG B 201 -16.09 3.59 30.83
N GLU B 202 -16.66 2.77 29.96
CA GLU B 202 -17.83 1.99 30.30
C GLU B 202 -17.57 1.01 31.45
N GLU B 203 -16.37 0.42 31.53
CA GLU B 203 -16.06 -0.38 32.71
C GLU B 203 -15.44 0.39 33.88
N TYR B 204 -14.51 1.27 33.55
CA TYR B 204 -13.68 1.92 34.55
C TYR B 204 -14.04 3.36 34.97
N GLY B 205 -15.04 3.98 34.34
CA GLY B 205 -15.42 5.34 34.70
C GLY B 205 -14.87 6.48 33.87
N ASP B 206 -15.10 7.69 34.33
CA ASP B 206 -14.70 8.90 33.61
C ASP B 206 -13.24 9.27 33.81
N LYS B 207 -12.55 8.53 34.65
CA LYS B 207 -11.19 8.91 35.00
C LYS B 207 -10.19 8.40 33.99
N VAL B 208 -10.65 7.54 33.07
CA VAL B 208 -9.75 6.98 32.05
C VAL B 208 -9.25 8.03 31.05
N ARG B 209 -7.93 8.09 30.90
CA ARG B 209 -7.30 9.02 29.97
C ARG B 209 -6.83 8.35 28.67
N GLY B 210 -7.23 8.90 27.53
CA GLY B 210 -6.51 8.64 26.30
C GLY B 210 -5.37 9.59 26.06
N ILE B 211 -4.26 9.09 25.56
CA ILE B 211 -3.16 9.94 25.08
C ILE B 211 -2.72 9.53 23.69
N LEU B 212 -2.67 10.48 22.78
CA LEU B 212 -2.12 10.24 21.46
C LEU B 212 -0.64 10.56 21.48
N VAL B 213 0.17 9.54 21.22
CA VAL B 213 1.63 9.69 21.21
C VAL B 213 2.19 9.67 19.76
N ALA B 214 2.84 10.76 19.34
CA ALA B 214 3.14 11.00 17.92
C ALA B 214 3.99 12.24 17.76
N PRO B 215 4.76 12.31 16.68
CA PRO B 215 5.64 13.48 16.49
C PRO B 215 4.90 14.80 16.23
N SER B 216 3.68 14.78 15.69
CA SER B 216 2.81 15.96 15.63
C SER B 216 1.36 15.57 15.31
N LEU B 217 0.46 16.55 15.29
CA LEU B 217 -0.93 16.35 14.86
C LEU B 217 -1.28 17.20 13.67
N THR B 218 -2.20 16.73 12.86
CA THR B 218 -2.86 17.61 11.90
C THR B 218 -3.81 18.53 12.65
N SER B 219 -4.42 19.45 11.95
CA SER B 219 -5.31 20.41 12.58
C SER B 219 -6.56 19.71 13.10
N GLY B 220 -7.11 18.82 12.27
CA GLY B 220 -8.32 18.08 12.61
C GLY B 220 -8.15 17.13 13.78
N ALA B 221 -7.02 16.42 13.78
CA ALA B 221 -6.59 15.65 14.93
C ALA B 221 -6.67 16.47 16.23
N LYS B 222 -5.88 17.55 16.32
CA LYS B 222 -5.91 18.48 17.46
C LYS B 222 -7.33 18.91 17.82
N ARG B 223 -8.11 19.26 16.81
CA ARG B 223 -9.49 19.71 17.03
C ARG B 223 -10.33 18.65 17.74
N LEU B 224 -10.33 17.44 17.23
CA LEU B 224 -11.17 16.37 17.79
C LEU B 224 -10.61 15.87 19.11
N LEU B 225 -9.28 15.84 19.19
CA LEU B 225 -8.62 15.49 20.43
C LEU B 225 -9.08 16.46 21.53
N GLU B 226 -9.16 17.76 21.21
CA GLU B 226 -9.53 18.80 22.21
C GLU B 226 -11.02 18.76 22.56
N LYS B 227 -11.87 18.69 21.54
CA LYS B 227 -13.31 18.52 21.70
C LYS B 227 -13.68 17.30 22.58
N GLU B 228 -12.85 16.26 22.52
CA GLU B 228 -13.12 15.03 23.24
C GLU B 228 -12.38 14.89 24.58
N GLY B 229 -11.60 15.92 24.95
CA GLY B 229 -10.79 15.88 26.14
C GLY B 229 -9.72 14.79 26.21
N LEU B 230 -9.01 14.58 25.11
CA LEU B 230 -7.92 13.62 25.14
C LEU B 230 -6.65 14.44 25.12
N GLU B 231 -5.50 13.78 25.21
CA GLU B 231 -4.22 14.43 25.42
C GLU B 231 -3.22 14.07 24.32
N PHE B 232 -2.13 14.82 24.25
CA PHE B 232 -1.11 14.59 23.26
C PHE B 232 0.29 14.66 23.86
N ARG B 233 1.06 13.58 23.79
CA ARG B 233 2.49 13.69 24.13
C ARG B 233 3.31 13.59 22.86
N LYS B 234 4.21 14.54 22.67
CA LYS B 234 5.06 14.54 21.47
C LYS B 234 6.17 13.53 21.66
N LEU B 235 6.19 12.53 20.79
CA LEU B 235 7.26 11.55 20.76
C LEU B 235 7.68 11.19 19.34
N GLU B 236 8.98 11.26 19.04
CA GLU B 236 9.52 10.83 17.74
C GLU B 236 9.87 9.35 17.80
N PRO B 237 9.52 8.58 16.74
CA PRO B 237 9.96 7.20 16.70
C PRO B 237 11.48 7.16 16.68
N PRO B 238 12.10 6.38 17.57
CA PRO B 238 13.55 6.26 17.66
C PRO B 238 14.18 5.41 16.55
N LYS B 239 15.35 5.86 16.09
CA LYS B 239 16.16 5.03 15.20
C LYS B 239 17.40 4.43 15.92
N ARG B 240 17.35 3.12 16.17
CA ARG B 240 18.50 2.40 16.72
C ARG B 240 19.78 2.65 15.94
C1 MPD E . 29.11 -8.96 -22.01
C2 MPD E . 30.11 -8.20 -22.86
O2 MPD E . 29.45 -7.15 -23.65
CM MPD E . 31.17 -7.61 -21.94
C3 MPD E . 30.71 -9.20 -23.82
C4 MPD E . 29.62 -10.08 -24.44
O4 MPD E . 29.12 -9.53 -25.64
C5 MPD E . 30.13 -11.50 -24.68
MG MG F . -15.64 7.06 3.73
MG MG G . -2.74 1.25 17.35
C1 MPD H . -10.49 9.08 -0.89
C2 MPD H . -11.26 9.65 -2.08
O2 MPD H . -10.31 10.22 -3.02
CM MPD H . -12.02 8.61 -2.88
C3 MPD H . -12.16 10.74 -1.50
C4 MPD H . -11.26 11.74 -0.74
O4 MPD H . -11.06 12.94 -1.46
C5 MPD H . -11.74 12.10 0.67
C1 MPD I . -0.98 -7.17 15.28
C2 MPD I . -0.78 -5.67 15.03
O2 MPD I . -1.54 -5.28 13.87
CM MPD I . -1.40 -4.91 16.20
C3 MPD I . 0.69 -5.33 14.73
C4 MPD I . 0.91 -5.27 13.21
O4 MPD I . 1.84 -4.30 12.77
C5 MPD I . 1.46 -6.58 12.65
C1 MPD J . 3.09 -0.94 1.90
C2 MPD J . 4.60 -0.89 2.07
O2 MPD J . 5.14 -0.76 0.70
CM MPD J . 5.02 0.29 2.92
C3 MPD J . 5.12 -2.13 2.83
C4 MPD J . 4.38 -2.41 4.16
O4 MPD J . 3.26 -3.25 3.93
C5 MPD J . 5.29 -3.09 5.20
C1 MPD K . -4.86 3.77 -5.78
C2 MPD K . -3.60 2.87 -5.74
O2 MPD K . -2.80 3.30 -6.88
CM MPD K . -2.85 3.15 -4.42
C3 MPD K . -3.88 1.35 -5.98
C4 MPD K . -3.05 0.44 -5.04
O4 MPD K . -3.96 -0.39 -4.35
C5 MPD K . -1.98 -0.49 -5.65
#